data_5UYJ
#
_entry.id   5UYJ
#
_cell.length_a   73.153
_cell.length_b   73.153
_cell.length_c   120.305
_cell.angle_alpha   90.00
_cell.angle_beta   90.00
_cell.angle_gamma   90.00
#
_symmetry.space_group_name_H-M   'P 43 21 2'
#
loop_
_entity.id
_entity.type
_entity.pdbx_description
1 polymer 'Calcium/calmodulin-dependent protein kinase kinase 2'
2 non-polymer '2-cyclopentyl-4-(7-methoxyquinolin-4-yl)benzoic acid'
3 water water
#
_entity_poly.entity_id   1
_entity_poly.type   'polypeptide(L)'
_entity_poly.pdbx_seq_one_letter_code
;SMQLNQYTLKDEIGKGSYGVVKLAYNENDNTYYAMKVLSKKKLIRQAGFPRRPPPRGTRPAPGGCIQPRGPIEQVYQEIA
ILKKLDHPNVVKLVEVLDDPNEDHLYMVFELVNQGPVMEVPTLKPLSEDQARFYFQDLIKGIEYLHYQKIIHRDIKPSNL
LVGEDGHIKIADFGVSNEFKGSDALLSNTVGTPAFMAPESLSETRKIFSGKALDVWAMGVTLYCFVFGQCPFMDERIMCL
HSKIKSQALEFPDQPDIAEDLKDLITRMLDKNPESRIVVPEIKLHPWVTRH
;
_entity_poly.pdbx_strand_id   A
#
loop_
_chem_comp.id
_chem_comp.type
_chem_comp.name
_chem_comp.formula
8R7 non-polymer '2-cyclopentyl-4-(7-methoxyquinolin-4-yl)benzoic acid' 'C22 H21 N O3'
#
# COMPACT_ATOMS: atom_id res chain seq x y z
N SER A 1 25.81 13.38 8.32
CA SER A 1 24.46 13.92 8.28
C SER A 1 24.42 15.24 7.52
N MET A 2 23.21 15.78 7.32
CA MET A 2 23.04 17.10 6.73
C MET A 2 21.90 17.82 7.43
N GLN A 3 21.91 19.14 7.34
CA GLN A 3 20.91 19.98 7.97
C GLN A 3 19.91 20.48 6.94
N LEU A 4 18.62 20.40 7.28
CA LEU A 4 17.54 20.95 6.47
C LEU A 4 16.60 21.68 7.40
N ASN A 5 16.72 23.02 7.46
CA ASN A 5 15.97 23.85 8.39
C ASN A 5 16.22 23.30 9.82
N GLN A 6 15.18 22.95 10.57
CA GLN A 6 15.35 22.46 11.93
C GLN A 6 15.70 20.99 12.00
N TYR A 7 15.79 20.30 10.85
CA TYR A 7 16.04 18.86 10.84
C TYR A 7 17.48 18.48 10.56
N THR A 8 17.96 17.43 11.20
CA THR A 8 19.24 16.80 10.88
C THR A 8 18.94 15.48 10.23
N LEU A 9 19.28 15.33 8.96
CA LEU A 9 18.98 14.13 8.20
C LEU A 9 20.11 13.12 8.38
N LYS A 10 19.75 11.87 8.69
CA LYS A 10 20.71 10.83 9.01
C LYS A 10 20.58 9.59 8.05
N ASP A 11 20.61 8.34 8.52
CA ASP A 11 20.55 7.21 7.63
C ASP A 11 19.21 7.00 6.94
N GLU A 12 19.31 6.33 5.81
CA GLU A 12 18.15 5.88 5.04
C GLU A 12 17.44 4.82 5.89
N ILE A 13 16.15 4.98 6.05
CA ILE A 13 15.31 4.04 6.77
C ILE A 13 14.25 3.36 5.88
N GLY A 14 14.03 3.82 4.65
CA GLY A 14 13.09 3.18 3.77
C GLY A 14 13.21 3.68 2.36
N LYS A 15 12.66 2.94 1.41
CA LYS A 15 12.64 3.38 0.02
C LYS A 15 11.39 2.81 -0.61
N GLY A 16 10.44 3.68 -0.92
CA GLY A 16 9.15 3.29 -1.45
C GLY A 16 9.09 3.47 -2.95
N SER A 17 7.90 3.66 -3.48
CA SER A 17 7.74 3.83 -4.90
C SER A 17 8.46 5.05 -5.44
N TYR A 18 8.54 6.11 -4.62
CA TYR A 18 9.20 7.36 -5.01
C TYR A 18 10.11 7.85 -3.95
N GLY A 19 11.21 8.50 -4.37
CA GLY A 19 12.12 9.09 -3.41
C GLY A 19 12.76 8.09 -2.46
N VAL A 20 13.21 8.59 -1.32
CA VAL A 20 13.82 7.80 -0.27
C VAL A 20 13.39 8.39 1.06
N VAL A 21 13.41 7.60 2.13
CA VAL A 21 13.03 8.06 3.45
C VAL A 21 14.24 8.05 4.35
N LYS A 22 14.48 9.19 5.02
CA LYS A 22 15.60 9.35 5.93
C LYS A 22 15.14 9.54 7.35
N LEU A 23 15.94 9.09 8.31
CA LEU A 23 15.69 9.40 9.69
C LEU A 23 16.02 10.89 9.89
N ALA A 24 15.16 11.65 10.55
CA ALA A 24 15.38 13.09 10.70
C ALA A 24 15.14 13.57 12.10
N TYR A 25 16.14 14.16 12.70
CA TYR A 25 16.05 14.68 14.06
C TYR A 25 15.58 16.14 14.02
N ASN A 26 14.51 16.46 14.74
CA ASN A 26 14.00 17.83 14.82
C ASN A 26 14.60 18.46 16.06
N GLU A 27 15.47 19.46 15.90
CA GLU A 27 16.11 20.11 17.04
C GLU A 27 15.16 21.00 17.85
N ASN A 28 14.04 21.43 17.26
CA ASN A 28 13.09 22.28 17.98
C ASN A 28 12.32 21.50 19.05
N ASP A 29 11.99 20.22 18.82
CA ASP A 29 11.22 19.45 19.80
C ASP A 29 11.93 18.16 20.25
N ASN A 30 13.24 18.01 19.93
CA ASN A 30 14.06 16.89 20.39
C ASN A 30 13.42 15.55 20.05
N THR A 31 12.80 15.47 18.87
CA THR A 31 12.09 14.28 18.42
C THR A 31 12.56 13.85 17.04
N TYR A 32 12.61 12.54 16.82
CA TYR A 32 12.93 11.96 15.54
C TYR A 32 11.65 11.76 14.73
N TYR A 33 11.77 12.01 13.42
CA TYR A 33 10.75 11.86 12.41
C TYR A 33 11.29 11.07 11.23
N ALA A 34 10.42 10.70 10.28
CA ALA A 34 10.81 10.10 9.02
C ALA A 34 10.61 11.15 7.92
N MET A 35 11.63 11.43 7.13
CA MET A 35 11.52 12.42 6.07
C MET A 35 11.68 11.81 4.69
N LYS A 36 10.61 11.87 3.87
CA LYS A 36 10.67 11.42 2.49
C LYS A 36 11.23 12.57 1.65
N VAL A 37 12.30 12.30 0.92
CA VAL A 37 13.02 13.26 0.09
C VAL A 37 12.70 12.96 -1.38
N LEU A 38 12.22 13.97 -2.11
CA LEU A 38 11.83 13.81 -3.51
C LEU A 38 12.45 14.86 -4.39
N SER A 39 12.62 14.54 -5.66
CA SER A 39 13.07 15.48 -6.70
C SER A 39 11.93 15.67 -7.69
N LYS A 40 11.43 16.88 -7.84
CA LYS A 40 10.33 17.18 -8.77
C LYS A 40 10.68 16.79 -10.19
N LYS A 41 11.88 17.12 -10.65
CA LYS A 41 12.31 16.77 -12.02
C LYS A 41 12.44 15.26 -12.17
N LYS A 42 12.90 14.55 -11.14
CA LYS A 42 12.98 13.09 -11.23
C LYS A 42 11.59 12.47 -11.31
N LEU A 43 10.62 12.98 -10.53
CA LEU A 43 9.24 12.48 -10.57
C LEU A 43 8.62 12.65 -11.96
N ILE A 44 8.89 13.80 -12.61
CA ILE A 44 8.36 14.07 -13.94
C ILE A 44 8.95 13.06 -14.93
N ARG A 45 10.26 12.80 -14.85
CA ARG A 45 10.90 11.83 -15.72
C ARG A 45 10.41 10.40 -15.47
N GLN A 46 10.07 10.04 -14.22
CA GLN A 46 9.59 8.68 -13.92
C GLN A 46 8.30 8.31 -14.66
N ALA A 47 7.45 9.29 -14.99
CA ALA A 47 6.21 9.04 -15.71
C ALA A 47 6.43 8.73 -17.21
N GLY A 48 7.63 8.98 -17.71
CA GLY A 48 7.99 8.75 -19.10
C GLY A 48 8.04 10.03 -19.90
N PHE A 49 8.75 9.99 -21.03
CA PHE A 49 8.83 11.15 -21.90
C PHE A 49 7.50 11.42 -22.57
N PRO A 50 7.08 12.68 -22.67
CA PRO A 50 5.81 12.99 -23.35
C PRO A 50 5.88 12.69 -24.84
N ARG A 51 4.75 12.30 -25.39
CA ARG A 51 4.59 11.93 -26.79
C ARG A 51 4.35 13.15 -27.67
N ARG A 52 4.75 13.06 -28.94
CA ARG A 52 4.48 14.13 -29.91
C ARG A 52 2.97 14.10 -30.21
N PRO A 53 2.28 15.23 -30.40
CA PRO A 53 0.82 15.15 -30.66
C PRO A 53 0.49 14.31 -31.90
N PRO A 54 -0.50 13.38 -31.86
CA PRO A 54 -0.81 12.60 -33.07
C PRO A 54 -1.68 13.38 -34.04
N CYS A 65 -4.80 4.33 -22.10
CA CYS A 65 -3.43 4.32 -21.57
C CYS A 65 -2.72 5.63 -21.86
N ILE A 66 -3.47 6.72 -22.03
CA ILE A 66 -2.90 8.04 -22.29
C ILE A 66 -2.13 8.52 -21.07
N GLN A 67 -0.93 9.07 -21.31
CA GLN A 67 -0.08 9.58 -20.25
C GLN A 67 -0.69 10.85 -19.67
N PRO A 68 -0.65 11.03 -18.32
CA PRO A 68 -1.17 12.29 -17.75
C PRO A 68 -0.39 13.49 -18.28
N ARG A 69 -1.11 14.58 -18.59
CA ARG A 69 -0.44 15.78 -19.09
C ARG A 69 0.50 16.42 -18.08
N GLY A 70 0.11 16.46 -16.81
CA GLY A 70 0.99 16.99 -15.78
C GLY A 70 1.28 15.92 -14.73
N PRO A 71 2.39 15.19 -14.90
CA PRO A 71 2.73 14.13 -13.94
C PRO A 71 3.00 14.59 -12.52
N ILE A 72 3.49 15.82 -12.33
CA ILE A 72 3.83 16.31 -10.97
C ILE A 72 2.56 16.45 -10.11
N GLU A 73 1.39 16.41 -10.74
CA GLU A 73 0.17 16.52 -9.96
C GLU A 73 -0.05 15.30 -9.04
N GLN A 74 0.54 14.12 -9.34
CA GLN A 74 0.32 12.99 -8.43
C GLN A 74 0.95 13.23 -7.07
N VAL A 75 2.18 13.79 -6.98
CA VAL A 75 2.77 14.01 -5.64
C VAL A 75 1.95 15.04 -4.85
N TYR A 76 1.39 16.05 -5.51
CA TYR A 76 0.57 17.02 -4.81
C TYR A 76 -0.79 16.35 -4.42
N GLN A 77 -1.29 15.33 -5.17
CA GLN A 77 -2.48 14.61 -4.74
CA GLN A 77 -2.49 14.60 -4.74
C GLN A 77 -2.14 13.77 -3.51
N GLU A 78 -0.96 13.10 -3.51
CA GLU A 78 -0.51 12.32 -2.35
C GLU A 78 -0.48 13.22 -1.09
N ILE A 79 0.09 14.41 -1.22
CA ILE A 79 0.16 15.35 -0.10
C ILE A 79 -1.25 15.72 0.38
N ALA A 80 -2.14 16.08 -0.53
CA ALA A 80 -3.51 16.43 -0.17
C ALA A 80 -4.21 15.28 0.53
N ILE A 81 -3.99 14.08 0.05
CA ILE A 81 -4.60 12.87 0.66
C ILE A 81 -4.05 12.68 2.08
N LEU A 82 -2.75 12.73 2.22
CA LEU A 82 -2.16 12.54 3.55
C LEU A 82 -2.63 13.59 4.56
N LYS A 83 -2.81 14.82 4.11
CA LYS A 83 -3.28 15.89 4.98
C LYS A 83 -4.68 15.61 5.54
N LYS A 84 -5.51 14.88 4.78
CA LYS A 84 -6.90 14.51 5.13
C LYS A 84 -6.95 13.38 6.16
N LEU A 85 -5.88 12.58 6.30
CA LEU A 85 -5.95 11.34 7.07
C LEU A 85 -5.34 11.47 8.45
N ASP A 86 -6.13 11.07 9.45
CA ASP A 86 -5.72 11.07 10.85
C ASP A 86 -6.32 9.82 11.50
N HIS A 87 -5.52 8.75 11.54
CA HIS A 87 -5.96 7.47 12.08
C HIS A 87 -4.79 6.74 12.68
N PRO A 88 -4.96 5.99 13.77
CA PRO A 88 -3.81 5.32 14.38
C PRO A 88 -3.17 4.23 13.52
N ASN A 89 -3.85 3.71 12.48
CA ASN A 89 -3.30 2.69 11.61
C ASN A 89 -2.94 3.24 10.22
N VAL A 90 -2.71 4.55 10.16
CA VAL A 90 -2.24 5.23 8.95
C VAL A 90 -1.11 6.17 9.33
N VAL A 91 -0.08 6.28 8.50
CA VAL A 91 1.00 7.21 8.79
C VAL A 91 0.47 8.62 8.90
N LYS A 92 1.20 9.45 9.62
CA LYS A 92 0.81 10.81 9.90
C LYS A 92 1.81 11.79 9.32
N LEU A 93 1.38 12.54 8.31
CA LEU A 93 2.17 13.60 7.71
C LEU A 93 2.09 14.81 8.62
N VAL A 94 3.25 15.35 9.04
CA VAL A 94 3.27 16.50 9.94
C VAL A 94 3.73 17.80 9.28
N GLU A 95 4.52 17.75 8.21
CA GLU A 95 5.03 18.97 7.57
C GLU A 95 5.44 18.65 6.16
N VAL A 96 5.29 19.62 5.26
CA VAL A 96 5.79 19.58 3.91
C VAL A 96 6.72 20.78 3.74
N LEU A 97 7.95 20.56 3.27
CA LEU A 97 8.90 21.60 2.95
C LEU A 97 9.00 21.65 1.44
N ASP A 98 8.59 22.77 0.85
CA ASP A 98 8.54 22.91 -0.58
C ASP A 98 8.70 24.35 -1.00
N ASP A 99 9.87 24.66 -1.53
CA ASP A 99 10.16 25.98 -2.06
C ASP A 99 9.83 25.93 -3.55
N PRO A 100 8.97 26.83 -4.10
CA PRO A 100 8.67 26.78 -5.54
C PRO A 100 9.87 26.95 -6.48
N ASN A 101 10.98 27.54 -5.98
CA ASN A 101 12.20 27.77 -6.77
C ASN A 101 13.25 26.68 -6.56
N GLU A 102 12.91 25.59 -5.82
CA GLU A 102 13.83 24.49 -5.59
C GLU A 102 13.23 23.23 -6.18
N ASP A 103 14.10 22.32 -6.58
CA ASP A 103 13.67 21.05 -7.17
C ASP A 103 13.25 20.03 -6.10
N HIS A 104 13.79 20.12 -4.88
CA HIS A 104 13.43 19.09 -3.91
C HIS A 104 12.17 19.43 -3.13
N LEU A 105 11.49 18.38 -2.69
CA LEU A 105 10.26 18.41 -1.92
C LEU A 105 10.48 17.45 -0.75
N TYR A 106 10.11 17.85 0.46
CA TYR A 106 10.33 17.01 1.64
C TYR A 106 9.04 16.81 2.38
N MET A 107 8.75 15.57 2.74
CA MET A 107 7.54 15.24 3.47
C MET A 107 7.94 14.61 4.81
N VAL A 108 7.52 15.21 5.91
CA VAL A 108 7.89 14.78 7.24
C VAL A 108 6.74 14.03 7.87
N PHE A 109 7.03 12.83 8.39
CA PHE A 109 6.05 11.96 9.00
C PHE A 109 6.44 11.66 10.43
N GLU A 110 5.44 11.37 11.28
CA GLU A 110 5.75 10.80 12.57
C GLU A 110 6.43 9.44 12.35
N LEU A 111 7.48 9.17 13.12
CA LEU A 111 8.28 7.95 12.94
C LEU A 111 7.52 6.72 13.44
N VAL A 112 7.60 5.62 12.70
CA VAL A 112 7.02 4.32 13.09
C VAL A 112 8.20 3.41 13.26
N ASN A 113 8.65 3.27 14.50
CA ASN A 113 10.00 2.78 14.78
C ASN A 113 10.54 1.51 14.21
N GLN A 114 9.72 0.49 14.12
CA GLN A 114 10.28 -0.81 13.73
C GLN A 114 10.39 -1.01 12.24
N GLY A 115 9.73 -0.18 11.46
CA GLY A 115 9.79 -0.33 10.02
C GLY A 115 8.85 -1.38 9.49
N PRO A 116 9.05 -1.76 8.23
CA PRO A 116 8.12 -2.71 7.58
C PRO A 116 7.95 -4.02 8.32
N VAL A 117 6.72 -4.52 8.38
CA VAL A 117 6.45 -5.74 9.13
C VAL A 117 7.12 -6.98 8.48
N MET A 118 7.26 -6.99 7.17
CA MET A 118 7.77 -8.12 6.40
C MET A 118 8.19 -7.68 5.00
N GLU A 119 9.23 -8.29 4.44
CA GLU A 119 9.62 -8.08 3.05
C GLU A 119 9.42 -9.44 2.39
N VAL A 120 8.46 -9.53 1.48
CA VAL A 120 8.08 -10.78 0.81
C VAL A 120 9.09 -11.04 -0.32
N PRO A 121 9.60 -12.27 -0.46
CA PRO A 121 9.33 -13.45 0.36
C PRO A 121 10.20 -13.55 1.60
N THR A 122 9.70 -14.25 2.64
CA THR A 122 10.42 -14.51 3.88
C THR A 122 10.26 -15.96 4.27
N LEU A 123 11.27 -16.51 4.96
CA LEU A 123 11.28 -17.86 5.51
C LEU A 123 10.71 -17.87 6.93
N LYS A 124 10.39 -16.65 7.47
CA LYS A 124 9.90 -16.45 8.81
C LYS A 124 8.52 -15.79 8.78
N PRO A 125 7.48 -16.53 8.40
CA PRO A 125 6.15 -15.95 8.42
C PRO A 125 5.67 -15.72 9.85
N LEU A 126 4.57 -14.99 9.93
CA LEU A 126 3.95 -14.72 11.23
C LEU A 126 3.14 -15.90 11.67
N SER A 127 2.94 -16.02 12.99
CA SER A 127 1.98 -16.99 13.49
C SER A 127 0.56 -16.56 13.11
N GLU A 128 -0.39 -17.47 13.22
CA GLU A 128 -1.77 -17.12 12.89
C GLU A 128 -2.29 -16.02 13.86
N ASP A 129 -1.95 -16.11 15.16
CA ASP A 129 -2.43 -15.09 16.09
C ASP A 129 -1.79 -13.72 15.83
N GLN A 130 -0.50 -13.68 15.46
CA GLN A 130 0.14 -12.38 15.19
C GLN A 130 -0.39 -11.82 13.86
N ALA A 131 -0.60 -12.69 12.87
CA ALA A 131 -1.22 -12.27 11.61
C ALA A 131 -2.60 -11.67 11.89
N ARG A 132 -3.39 -12.26 12.79
CA ARG A 132 -4.71 -11.71 13.10
C ARG A 132 -4.60 -10.31 13.72
N PHE A 133 -3.66 -10.13 14.64
CA PHE A 133 -3.48 -8.81 15.28
C PHE A 133 -3.15 -7.74 14.25
N TYR A 134 -2.21 -8.02 13.35
CA TYR A 134 -1.86 -7.04 12.33
C TYR A 134 -2.96 -6.89 11.30
N PHE A 135 -3.66 -7.97 10.96
CA PHE A 135 -4.76 -7.86 10.00
C PHE A 135 -5.90 -7.01 10.56
N GLN A 136 -6.17 -7.11 11.88
CA GLN A 136 -7.18 -6.24 12.52
C GLN A 136 -6.80 -4.76 12.37
N ASP A 137 -5.51 -4.45 12.49
CA ASP A 137 -5.02 -3.10 12.28
C ASP A 137 -5.24 -2.65 10.82
N LEU A 138 -4.92 -3.55 9.89
CA LEU A 138 -5.07 -3.27 8.47
C LEU A 138 -6.53 -3.01 8.12
N ILE A 139 -7.48 -3.81 8.67
CA ILE A 139 -8.90 -3.55 8.42
C ILE A 139 -9.29 -2.16 8.88
N LYS A 140 -8.87 -1.77 10.10
CA LYS A 140 -9.23 -0.45 10.63
C LYS A 140 -8.69 0.66 9.74
N GLY A 141 -7.46 0.51 9.29
CA GLY A 141 -6.88 1.52 8.43
C GLY A 141 -7.56 1.63 7.08
N ILE A 142 -7.83 0.49 6.44
CA ILE A 142 -8.44 0.47 5.11
C ILE A 142 -9.87 0.96 5.18
N GLU A 143 -10.66 0.52 6.17
CA GLU A 143 -12.05 1.03 6.23
C GLU A 143 -12.07 2.55 6.38
N TYR A 144 -11.09 3.10 7.14
CA TYR A 144 -10.98 4.54 7.30
C TYR A 144 -10.62 5.20 5.95
N LEU A 145 -9.59 4.68 5.25
CA LEU A 145 -9.25 5.21 3.93
C LEU A 145 -10.47 5.21 3.00
N HIS A 146 -11.15 4.06 2.90
CA HIS A 146 -12.29 3.96 2.00
C HIS A 146 -13.40 4.91 2.40
N TYR A 147 -13.61 5.11 3.72
CA TYR A 147 -14.63 6.06 4.18
C TYR A 147 -14.29 7.50 3.75
N GLN A 148 -12.98 7.82 3.73
CA GLN A 148 -12.45 9.10 3.31
C GLN A 148 -12.31 9.18 1.79
N LYS A 149 -12.82 8.18 1.05
CA LYS A 149 -12.84 8.12 -0.42
C LYS A 149 -11.43 8.06 -0.97
N ILE A 150 -10.57 7.29 -0.30
CA ILE A 150 -9.22 7.03 -0.72
C ILE A 150 -9.05 5.54 -1.02
N ILE A 151 -8.46 5.20 -2.17
CA ILE A 151 -8.00 3.84 -2.44
C ILE A 151 -6.48 3.91 -2.37
N HIS A 152 -5.85 2.92 -1.74
CA HIS A 152 -4.40 2.96 -1.54
C HIS A 152 -3.64 2.49 -2.79
N ARG A 153 -4.09 1.38 -3.34
CA ARG A 153 -3.55 0.81 -4.56
C ARG A 153 -2.19 0.10 -4.45
N ASP A 154 -1.54 0.07 -3.29
CA ASP A 154 -0.30 -0.67 -3.16
C ASP A 154 -0.22 -1.32 -1.78
N ILE A 155 -1.26 -2.04 -1.39
CA ILE A 155 -1.25 -2.68 -0.10
C ILE A 155 -0.43 -3.95 -0.24
N LYS A 156 0.57 -4.08 0.62
CA LYS A 156 1.46 -5.24 0.67
C LYS A 156 2.20 -5.15 1.99
N PRO A 157 2.76 -6.26 2.47
CA PRO A 157 3.40 -6.23 3.80
C PRO A 157 4.53 -5.21 3.94
N SER A 158 5.29 -4.95 2.86
CA SER A 158 6.42 -4.05 2.95
C SER A 158 6.00 -2.58 3.09
N ASN A 159 4.69 -2.25 2.89
CA ASN A 159 4.20 -0.89 3.09
C ASN A 159 3.44 -0.77 4.43
N LEU A 160 3.49 -1.78 5.30
CA LEU A 160 2.86 -1.77 6.61
C LEU A 160 3.93 -1.66 7.66
N LEU A 161 4.01 -0.52 8.32
CA LEU A 161 5.08 -0.27 9.28
C LEU A 161 4.64 -0.61 10.69
N VAL A 162 5.50 -1.21 11.49
CA VAL A 162 5.18 -1.58 12.86
C VAL A 162 5.75 -0.54 13.82
N GLY A 163 4.88 0.01 14.66
CA GLY A 163 5.31 0.98 15.65
C GLY A 163 5.78 0.38 16.95
N GLU A 164 6.26 1.25 17.84
CA GLU A 164 6.72 0.97 19.20
C GLU A 164 5.65 0.16 19.98
N ASP A 165 4.39 0.47 19.72
CA ASP A 165 3.23 -0.16 20.36
C ASP A 165 2.80 -1.52 19.77
N GLY A 166 3.52 -2.00 18.76
CA GLY A 166 3.23 -3.27 18.10
C GLY A 166 2.07 -3.22 17.13
N HIS A 167 1.57 -2.01 16.79
CA HIS A 167 0.49 -1.88 15.83
C HIS A 167 1.01 -1.41 14.50
N ILE A 168 0.36 -1.82 13.41
CA ILE A 168 0.83 -1.39 12.11
C ILE A 168 0.16 -0.11 11.66
N LYS A 169 0.90 0.62 10.83
CA LYS A 169 0.42 1.81 10.13
C LYS A 169 0.63 1.61 8.64
N ILE A 170 -0.39 1.92 7.84
CA ILE A 170 -0.34 1.87 6.38
C ILE A 170 0.50 3.05 5.90
N ALA A 171 1.44 2.77 5.03
CA ALA A 171 2.39 3.76 4.52
C ALA A 171 2.50 3.69 2.98
N ASP A 172 3.28 4.59 2.40
CA ASP A 172 3.49 4.70 0.95
C ASP A 172 2.22 5.01 0.16
N PHE A 173 1.80 6.25 0.24
CA PHE A 173 0.63 6.72 -0.46
C PHE A 173 0.97 7.28 -1.84
N GLY A 174 2.16 6.93 -2.35
CA GLY A 174 2.66 7.40 -3.62
C GLY A 174 1.75 7.22 -4.80
N VAL A 175 0.98 6.15 -4.82
CA VAL A 175 0.05 5.90 -5.92
C VAL A 175 -1.43 5.94 -5.51
N SER A 176 -1.72 6.40 -4.31
CA SER A 176 -3.10 6.46 -3.82
C SER A 176 -3.92 7.43 -4.64
N ASN A 177 -5.22 7.21 -4.62
CA ASN A 177 -6.15 8.06 -5.36
C ASN A 177 -7.34 8.41 -4.51
N GLU A 178 -7.87 9.60 -4.71
CA GLU A 178 -9.10 10.06 -4.08
C GLU A 178 -10.16 9.99 -5.14
N PHE A 179 -11.30 9.39 -4.82
CA PHE A 179 -12.39 9.29 -5.78
C PHE A 179 -13.56 10.09 -5.33
N LYS A 180 -14.46 10.34 -6.29
CA LYS A 180 -15.71 10.99 -6.04
C LYS A 180 -16.78 9.90 -6.13
N GLY A 181 -17.81 10.08 -5.37
CA GLY A 181 -18.89 9.11 -5.40
C GLY A 181 -18.63 7.91 -4.52
N SER A 182 -19.26 6.79 -4.87
CA SER A 182 -19.25 5.61 -4.02
C SER A 182 -18.03 4.74 -4.20
N ASP A 183 -17.35 4.84 -5.34
CA ASP A 183 -16.17 4.03 -5.62
C ASP A 183 -15.36 4.66 -6.76
N ALA A 184 -14.12 4.21 -6.93
CA ALA A 184 -13.26 4.63 -8.02
C ALA A 184 -13.56 3.72 -9.18
N LEU A 185 -13.91 4.29 -10.32
CA LEU A 185 -14.16 3.55 -11.56
C LEU A 185 -12.91 3.61 -12.40
N LEU A 186 -12.24 2.47 -12.57
CA LEU A 186 -10.94 2.44 -13.24
C LEU A 186 -10.93 1.64 -14.51
N SER A 187 -10.20 2.13 -15.53
CA SER A 187 -9.94 1.41 -16.77
C SER A 187 -8.64 0.61 -16.65
N ASN A 188 -7.65 1.17 -15.96
CA ASN A 188 -6.37 0.52 -15.68
C ASN A 188 -5.90 1.02 -14.34
N THR A 189 -4.92 0.35 -13.76
CA THR A 189 -4.43 0.75 -12.47
C THR A 189 -2.97 0.40 -12.27
N VAL A 190 -2.40 0.94 -11.22
CA VAL A 190 -1.03 0.70 -10.84
C VAL A 190 -0.97 -0.40 -9.79
N GLY A 191 0.22 -0.78 -9.39
CA GLY A 191 0.38 -1.73 -8.33
C GLY A 191 1.57 -2.61 -8.50
N THR A 192 1.85 -3.40 -7.49
CA THR A 192 2.89 -4.38 -7.50
C THR A 192 2.29 -5.60 -8.19
N PRO A 193 2.80 -6.11 -9.33
CA PRO A 193 2.08 -7.17 -10.07
C PRO A 193 1.59 -8.38 -9.28
N ALA A 194 2.35 -8.89 -8.31
CA ALA A 194 1.91 -10.07 -7.54
C ALA A 194 0.72 -9.79 -6.64
N PHE A 195 0.42 -8.50 -6.39
CA PHE A 195 -0.69 -8.09 -5.53
C PHE A 195 -1.86 -7.55 -6.33
N MET A 196 -1.76 -7.48 -7.68
CA MET A 196 -2.83 -6.94 -8.52
C MET A 196 -3.92 -7.96 -8.76
N ALA A 197 -5.18 -7.49 -8.70
CA ALA A 197 -6.35 -8.34 -8.87
C ALA A 197 -6.51 -8.76 -10.31
N PRO A 198 -7.15 -9.92 -10.53
CA PRO A 198 -7.24 -10.43 -11.91
C PRO A 198 -7.98 -9.52 -12.88
N GLU A 199 -9.02 -8.84 -12.41
CA GLU A 199 -9.80 -7.94 -13.29
C GLU A 199 -8.96 -6.77 -13.83
N SER A 200 -7.83 -6.46 -13.19
CA SER A 200 -6.97 -5.37 -13.63
C SER A 200 -5.93 -5.84 -14.65
N LEU A 201 -5.85 -7.16 -14.95
CA LEU A 201 -4.79 -7.71 -15.80
C LEU A 201 -5.25 -8.27 -17.13
N SER A 202 -6.36 -7.82 -17.63
CA SER A 202 -6.79 -8.25 -18.95
C SER A 202 -7.08 -7.06 -19.82
N GLU A 203 -6.92 -7.22 -21.15
CA GLU A 203 -7.29 -6.17 -22.11
C GLU A 203 -8.79 -6.35 -22.32
N THR A 204 -9.62 -5.50 -21.70
CA THR A 204 -11.07 -5.68 -21.74
C THR A 204 -11.80 -4.36 -21.95
N ARG A 205 -13.10 -4.46 -22.28
CA ARG A 205 -13.97 -3.32 -22.47
C ARG A 205 -14.56 -2.84 -21.14
N LYS A 206 -14.35 -3.61 -20.09
CA LYS A 206 -14.95 -3.32 -18.80
C LYS A 206 -14.08 -2.65 -17.73
N ILE A 207 -14.57 -1.58 -17.12
CA ILE A 207 -13.92 -0.90 -16.02
C ILE A 207 -14.12 -1.71 -14.73
N PHE A 208 -13.34 -1.40 -13.70
CA PHE A 208 -13.43 -2.12 -12.44
C PHE A 208 -13.37 -1.19 -11.22
N SER A 209 -13.87 -1.71 -10.11
CA SER A 209 -13.92 -1.05 -8.80
C SER A 209 -12.55 -0.93 -8.18
N GLY A 210 -12.20 0.27 -7.71
CA GLY A 210 -10.95 0.44 -6.99
C GLY A 210 -10.97 -0.19 -5.61
N LYS A 211 -12.07 -0.10 -4.86
CA LYS A 211 -12.07 -0.64 -3.50
C LYS A 211 -11.84 -2.17 -3.52
N ALA A 212 -12.40 -2.88 -4.53
CA ALA A 212 -12.23 -4.33 -4.58
C ALA A 212 -10.76 -4.70 -4.90
N LEU A 213 -10.01 -3.82 -5.57
CA LEU A 213 -8.57 -4.04 -5.79
C LEU A 213 -7.84 -4.03 -4.44
N ASP A 214 -8.20 -3.07 -3.56
CA ASP A 214 -7.58 -3.03 -2.25
C ASP A 214 -7.91 -4.30 -1.45
N VAL A 215 -9.15 -4.81 -1.56
CA VAL A 215 -9.49 -6.05 -0.85
C VAL A 215 -8.65 -7.23 -1.36
N TRP A 216 -8.52 -7.37 -2.69
CA TRP A 216 -7.69 -8.45 -3.25
C TRP A 216 -6.26 -8.33 -2.68
N ALA A 217 -5.70 -7.11 -2.70
CA ALA A 217 -4.35 -6.92 -2.17
C ALA A 217 -4.28 -7.25 -0.67
N MET A 218 -5.31 -6.94 0.11
CA MET A 218 -5.37 -7.33 1.53
C MET A 218 -5.32 -8.87 1.65
N GLY A 219 -5.97 -9.57 0.72
CA GLY A 219 -5.99 -11.04 0.71
C GLY A 219 -4.64 -11.62 0.43
N VAL A 220 -3.94 -11.08 -0.58
CA VAL A 220 -2.58 -11.52 -0.89
C VAL A 220 -1.67 -11.21 0.33
N THR A 221 -1.87 -10.04 0.97
CA THR A 221 -1.10 -9.64 2.15
C THR A 221 -1.31 -10.64 3.29
N LEU A 222 -2.58 -11.01 3.55
CA LEU A 222 -2.86 -11.95 4.65
C LEU A 222 -2.26 -13.31 4.35
N TYR A 223 -2.30 -13.76 3.09
CA TYR A 223 -1.66 -15.02 2.70
C TYR A 223 -0.15 -14.92 2.95
N CYS A 224 0.47 -13.78 2.61
CA CYS A 224 1.90 -13.56 2.86
C CYS A 224 2.19 -13.58 4.34
N PHE A 225 1.31 -13.02 5.15
CA PHE A 225 1.56 -12.92 6.58
C PHE A 225 1.75 -14.31 7.16
N VAL A 226 0.94 -15.27 6.74
CA VAL A 226 1.04 -16.58 7.37
C VAL A 226 1.92 -17.58 6.60
N PHE A 227 2.18 -17.37 5.30
CA PHE A 227 3.01 -18.31 4.51
C PHE A 227 4.36 -17.72 4.09
N GLY A 228 4.51 -16.41 4.10
CA GLY A 228 5.77 -15.76 3.77
C GLY A 228 6.01 -15.57 2.29
N GLN A 229 5.03 -15.92 1.45
CA GLN A 229 5.13 -15.73 0.00
C GLN A 229 3.73 -15.65 -0.56
N CYS A 230 3.59 -15.03 -1.73
CA CYS A 230 2.34 -14.81 -2.40
C CYS A 230 1.74 -16.12 -2.89
N PRO A 231 0.41 -16.12 -3.08
CA PRO A 231 -0.28 -17.34 -3.53
C PRO A 231 -0.07 -17.64 -5.02
N PHE A 232 0.20 -16.59 -5.82
CA PHE A 232 0.42 -16.73 -7.26
C PHE A 232 1.77 -16.15 -7.50
N MET A 233 2.68 -16.94 -8.03
CA MET A 233 4.03 -16.46 -8.19
C MET A 233 4.69 -17.12 -9.39
N ASP A 234 5.44 -16.32 -10.10
CA ASP A 234 6.24 -16.73 -11.26
C ASP A 234 7.21 -15.59 -11.56
N GLU A 235 8.45 -15.93 -11.93
CA GLU A 235 9.46 -14.93 -12.28
C GLU A 235 9.18 -14.32 -13.67
N ARG A 236 8.39 -15.03 -14.51
CA ARG A 236 8.02 -14.59 -15.85
C ARG A 236 6.73 -13.80 -15.76
N ILE A 237 6.79 -12.48 -16.06
CA ILE A 237 5.61 -11.62 -15.84
C ILE A 237 4.35 -12.14 -16.52
N MET A 238 4.46 -12.66 -17.75
CA MET A 238 3.26 -13.12 -18.46
C MET A 238 2.64 -14.31 -17.73
N CYS A 239 3.50 -15.16 -17.16
CA CYS A 239 3.04 -16.33 -16.43
C CYS A 239 2.45 -15.95 -15.08
N LEU A 240 3.02 -14.93 -14.41
CA LEU A 240 2.44 -14.41 -13.16
C LEU A 240 1.02 -13.90 -13.44
N HIS A 241 0.87 -13.05 -14.47
CA HIS A 241 -0.46 -12.55 -14.80
C HIS A 241 -1.44 -13.68 -15.13
N SER A 242 -0.98 -14.68 -15.91
CA SER A 242 -1.84 -15.81 -16.24
C SER A 242 -2.29 -16.57 -14.98
N LYS A 243 -1.38 -16.77 -14.02
CA LYS A 243 -1.70 -17.51 -12.80
C LYS A 243 -2.68 -16.72 -11.95
N ILE A 244 -2.48 -15.41 -11.82
CA ILE A 244 -3.44 -14.61 -11.06
C ILE A 244 -4.84 -14.74 -11.66
N LYS A 245 -4.94 -14.73 -12.99
CA LYS A 245 -6.24 -14.82 -13.64
C LYS A 245 -6.85 -16.21 -13.70
N SER A 246 -6.03 -17.28 -13.75
CA SER A 246 -6.56 -18.63 -14.05
C SER A 246 -6.22 -19.74 -13.04
N GLN A 247 -5.24 -19.54 -12.17
CA GLN A 247 -4.84 -20.58 -11.25
C GLN A 247 -5.72 -20.57 -9.99
N ALA A 248 -6.20 -21.75 -9.57
CA ALA A 248 -7.01 -21.84 -8.36
C ALA A 248 -6.14 -21.60 -7.13
N LEU A 249 -6.67 -20.91 -6.13
CA LEU A 249 -5.95 -20.67 -4.89
C LEU A 249 -5.65 -22.00 -4.20
N GLU A 250 -4.41 -22.19 -3.73
CA GLU A 250 -4.02 -23.35 -2.96
C GLU A 250 -3.23 -22.91 -1.74
N PHE A 251 -3.27 -23.75 -0.72
CA PHE A 251 -2.58 -23.55 0.54
C PHE A 251 -1.51 -24.61 0.69
N PRO A 252 -0.30 -24.26 1.13
CA PRO A 252 0.72 -25.30 1.38
C PRO A 252 0.28 -26.28 2.47
N ASP A 253 0.79 -27.53 2.47
CA ASP A 253 0.43 -28.50 3.52
C ASP A 253 0.90 -28.02 4.90
N GLN A 254 2.05 -27.33 4.94
CA GLN A 254 2.61 -26.79 6.18
C GLN A 254 3.06 -25.35 5.96
N PRO A 255 2.87 -24.41 6.92
CA PRO A 255 2.23 -24.61 8.23
C PRO A 255 0.74 -24.83 8.06
N ASP A 256 0.14 -25.63 8.94
CA ASP A 256 -1.29 -25.89 8.84
C ASP A 256 -1.98 -24.70 9.46
N ILE A 257 -2.96 -24.12 8.77
CA ILE A 257 -3.69 -22.97 9.30
C ILE A 257 -5.13 -23.39 9.47
N ALA A 258 -5.85 -22.60 10.26
CA ALA A 258 -7.25 -22.85 10.58
C ALA A 258 -8.15 -22.78 9.34
N GLU A 259 -9.22 -23.58 9.33
CA GLU A 259 -10.15 -23.61 8.21
C GLU A 259 -10.88 -22.28 8.03
N ASP A 260 -11.17 -21.58 9.11
CA ASP A 260 -11.82 -20.28 9.00
C ASP A 260 -10.89 -19.26 8.32
N LEU A 261 -9.60 -19.32 8.59
CA LEU A 261 -8.65 -18.43 7.92
C LEU A 261 -8.60 -18.78 6.41
N LYS A 262 -8.58 -20.07 6.08
CA LYS A 262 -8.61 -20.46 4.67
C LYS A 262 -9.86 -19.91 4.00
N ASP A 263 -11.04 -19.97 4.70
CA ASP A 263 -12.29 -19.43 4.15
C ASP A 263 -12.19 -17.92 3.89
N LEU A 264 -11.63 -17.17 4.86
CA LEU A 264 -11.49 -15.72 4.71
C LEU A 264 -10.58 -15.38 3.52
N ILE A 265 -9.42 -16.02 3.43
CA ILE A 265 -8.51 -15.75 2.32
C ILE A 265 -9.16 -16.13 0.98
N THR A 266 -9.85 -17.28 0.94
CA THR A 266 -10.53 -17.72 -0.27
C THR A 266 -11.55 -16.63 -0.73
N ARG A 267 -12.27 -16.03 0.21
CA ARG A 267 -13.29 -15.03 -0.14
C ARG A 267 -12.68 -13.70 -0.61
N MET A 268 -11.56 -13.32 -0.01
CA MET A 268 -10.81 -12.13 -0.42
C MET A 268 -10.19 -12.33 -1.80
N LEU A 269 -9.77 -13.56 -2.09
CA LEU A 269 -9.13 -13.90 -3.37
C LEU A 269 -10.11 -14.55 -4.35
N ASP A 270 -11.37 -14.14 -4.27
CA ASP A 270 -12.37 -14.49 -5.25
C ASP A 270 -11.98 -13.72 -6.52
N LYS A 271 -11.76 -14.42 -7.63
CA LYS A 271 -11.34 -13.75 -8.85
C LYS A 271 -12.44 -12.87 -9.43
N ASN A 272 -13.71 -13.09 -9.05
CA ASN A 272 -14.80 -12.24 -9.50
C ASN A 272 -14.98 -11.09 -8.53
N PRO A 273 -14.67 -9.83 -8.89
CA PRO A 273 -14.87 -8.74 -7.92
C PRO A 273 -16.31 -8.52 -7.52
N GLU A 274 -17.29 -8.97 -8.32
CA GLU A 274 -18.69 -8.79 -7.96
C GLU A 274 -19.06 -9.62 -6.74
N SER A 275 -18.46 -10.80 -6.55
CA SER A 275 -18.78 -11.67 -5.43
C SER A 275 -17.70 -11.67 -4.33
N ARG A 276 -16.54 -11.02 -4.58
CA ARG A 276 -15.51 -10.87 -3.58
C ARG A 276 -16.05 -10.20 -2.30
N ILE A 277 -15.59 -10.72 -1.16
CA ILE A 277 -15.99 -10.18 0.15
C ILE A 277 -15.62 -8.70 0.23
N VAL A 278 -16.44 -7.91 0.94
CA VAL A 278 -16.21 -6.49 1.14
C VAL A 278 -15.71 -6.26 2.58
N VAL A 279 -15.10 -5.11 2.82
CA VAL A 279 -14.48 -4.82 4.11
C VAL A 279 -15.48 -4.91 5.27
N PRO A 280 -16.72 -4.41 5.17
CA PRO A 280 -17.66 -4.57 6.28
C PRO A 280 -17.94 -6.01 6.68
N GLU A 281 -17.84 -6.96 5.73
CA GLU A 281 -18.02 -8.39 5.96
C GLU A 281 -16.75 -9.00 6.53
N ILE A 282 -15.57 -8.56 6.03
CA ILE A 282 -14.31 -9.03 6.57
C ILE A 282 -14.25 -8.75 8.05
N LYS A 283 -14.63 -7.55 8.47
CA LYS A 283 -14.58 -7.15 9.88
C LYS A 283 -15.39 -8.07 10.79
N LEU A 284 -16.45 -8.73 10.27
CA LEU A 284 -17.29 -9.62 11.04
C LEU A 284 -17.03 -11.11 10.74
N HIS A 285 -15.98 -11.43 9.99
CA HIS A 285 -15.68 -12.82 9.68
C HIS A 285 -15.28 -13.54 10.94
N PRO A 286 -15.70 -14.81 11.12
CA PRO A 286 -15.35 -15.53 12.34
C PRO A 286 -13.85 -15.61 12.69
N TRP A 287 -12.95 -15.65 11.69
CA TRP A 287 -11.53 -15.69 12.00
C TRP A 287 -11.06 -14.37 12.63
N VAL A 288 -11.63 -13.25 12.16
CA VAL A 288 -11.25 -11.92 12.64
C VAL A 288 -11.78 -11.66 14.03
N THR A 289 -13.01 -12.11 14.35
CA THR A 289 -13.64 -11.80 15.64
C THR A 289 -13.26 -12.77 16.77
N ARG A 290 -12.53 -13.86 16.52
CA ARG A 290 -12.13 -14.78 17.61
C ARG A 290 -10.66 -14.55 18.01
N HIS A 291 -10.19 -15.26 19.04
CA HIS A 291 -8.81 -15.15 19.53
C HIS A 291 -8.34 -16.46 20.14
C4 8R7 B . 7.32 7.46 4.87
C14 8R7 B . 7.08 6.87 7.79
C5 8R7 B . 7.46 5.16 3.29
C6 8R7 B . 7.63 3.88 2.51
C11 8R7 B . 7.66 5.11 4.67
C7 8R7 B . 9.09 3.47 2.36
C8 8R7 B . 9.06 1.95 2.34
C9 8R7 B . 7.99 1.60 3.28
C10 8R7 B . 6.92 2.65 3.09
C12 8R7 B . 7.68 6.25 5.46
C13 8R7 B . 7.91 6.16 6.94
N1 8R7 B . 8.09 5.92 9.75
C3 8R7 B . 7.04 7.53 3.53
O1 8R7 B . 7.76 6.17 0.44
C1 8R7 B . 6.85 6.60 1.26
C2 8R7 B . 7.14 6.40 2.70
C15 8R7 B . 7.23 6.73 9.17
C16 8R7 B . 8.94 5.21 8.93
C17 8R7 B . 9.88 4.36 9.55
C18 8R7 B . 10.74 3.61 8.79
O2 8R7 B . 11.71 2.76 9.26
C19 8R7 B . 11.93 2.73 10.67
C20 8R7 B . 10.76 3.74 7.39
C21 8R7 B . 9.83 4.52 6.77
C22 8R7 B . 8.91 5.32 7.51
O3 8R7 B . 5.89 7.24 0.89
H3 8R7 B . 7.26 8.24 5.40
H14 8R7 B . 6.40 7.41 7.44
H4 8R7 B . 7.27 4.01 1.60
H13 8R7 B . 7.88 4.28 5.06
H6 8R7 B . 9.46 3.82 1.52
H5 8R7 B . 9.63 3.80 3.11
H8 8R7 B . 8.87 1.61 1.44
H7 8R7 B . 9.93 1.59 2.64
H10 8R7 B . 7.64 0.69 3.07
H9 8R7 B . 8.33 1.59 4.21
H12 8R7 B . 6.22 2.32 2.46
H11 8R7 B . 6.47 2.85 3.95
H2 8R7 B . 6.85 8.37 3.13
H1 8R7 B . 7.44 5.48 0.00
H15 8R7 B . 6.63 7.20 9.72
H16 8R7 B . 9.91 4.30 10.48
H19 8R7 B . 12.16 3.62 10.99
H17 8R7 B . 12.66 2.12 10.87
H18 8R7 B . 11.12 2.42 11.13
H20 8R7 B . 11.33 3.20 6.89
H21 8R7 B . 9.87 4.59 5.83
#